data_4U14
#
_entry.id   4U14
#
_cell.length_a   54.952
_cell.length_b   54.952
_cell.length_c   348.030
_cell.angle_alpha   90.00
_cell.angle_beta   90.00
_cell.angle_gamma   90.00
#
_symmetry.space_group_name_H-M   'P 41 21 2'
#
loop_
_entity.id
_entity.type
_entity.pdbx_description
1 polymer 'Muscarinic acetylcholine receptor M3,Endolysin,Muscarinic acetylcholine receptor M3'
2 non-polymer (1R,2R,4S,5S,7S)-7-{[hydroxy(dithiophen-2-yl)acetyl]oxy}-9,9-dimethyl-3-oxa-9-azoniatricyclo[3.3.1.0~2,4~]nonane
#
_entity_poly.entity_id   1
_entity_poly.type   'polypeptide(L)'
_entity_poly.pdbx_seq_one_letter_code
;GDPLGGHTIWQVVFIAFLTGFLALVTIIGNILVIVAFKVNKQLKTVNNYFLLSLACADLIIGVISMNLFTTYIIMNRWAL
GNLACDLWLSIDYVASNASVMNLLVISFDRYFSITRPLTYRAKRTTKRAGVMIGLAWVISFVLWAPAILFWQYFVGKRTV
PPGECFIQFLSEPTITFGTAIAAFYMPVTIMTILYWRIYKETEKMNCFEMLRIDEGLRLKIYKDCEGYYTIGIGHLLTKS
PSLNAAKSELDKAIGRNTNGVITKDEAEKLFNQDVDAAVRGILRNAKLKPVYDSLDAVRRCALINMVFQMGETGVAGFTN
SLRMLQQKRWDEAAVNLAKSRWYNQCPNRAKRVITTFRTGTWDAYLIKEKKAAQTLSAILLAFIITWTPYNIMVLVNTFC
DSCIPKTYWNLGYWLCYINSTVNPVCYALCNKTFRTTFKTLLLCQCDKRKRRKHHHHHHH
;
_entity_poly.pdbx_strand_id   A
#
loop_
_chem_comp.id
_chem_comp.type
_chem_comp.name
_chem_comp.formula
0HK non-polymer (1R,2R,4S,5S,7S)-7-{[hydroxy(dithiophen-2-yl)acetyl]oxy}-9,9-dimethyl-3-oxa-9-azoniatricyclo[3.3.1.0~2,4~]nonane 'C19 H22 N O4 S2 1'
#
# COMPACT_ATOMS: atom_id res chain seq x y z
N THR A 8 -13.80 -47.62 -7.71
CA THR A 8 -14.75 -46.58 -8.10
C THR A 8 -14.02 -45.29 -8.48
N ILE A 9 -13.42 -44.65 -7.48
CA ILE A 9 -12.70 -43.37 -7.60
C ILE A 9 -13.25 -42.40 -8.65
N TRP A 10 -14.58 -42.35 -8.78
CA TRP A 10 -15.23 -41.41 -9.68
C TRP A 10 -15.26 -40.01 -9.06
N GLN A 11 -15.13 -39.97 -7.74
CA GLN A 11 -15.08 -38.69 -7.02
C GLN A 11 -13.80 -37.94 -7.37
N VAL A 12 -12.78 -38.68 -7.76
CA VAL A 12 -11.51 -38.09 -8.18
C VAL A 12 -11.68 -37.34 -9.49
N VAL A 13 -12.44 -37.93 -10.40
CA VAL A 13 -12.75 -37.30 -11.68
C VAL A 13 -13.66 -36.10 -11.46
N PHE A 14 -14.60 -36.24 -10.53
CA PHE A 14 -15.53 -35.17 -10.18
C PHE A 14 -14.79 -33.99 -9.56
N ILE A 15 -13.89 -34.28 -8.63
CA ILE A 15 -13.11 -33.24 -7.97
C ILE A 15 -12.16 -32.56 -8.93
N ALA A 16 -11.64 -33.33 -9.89
CA ALA A 16 -10.73 -32.81 -10.90
C ALA A 16 -11.46 -31.83 -11.81
N PHE A 17 -12.74 -32.09 -12.05
CA PHE A 17 -13.57 -31.22 -12.87
C PHE A 17 -13.88 -29.93 -12.12
N LEU A 18 -13.99 -30.02 -10.80
CA LEU A 18 -14.23 -28.86 -9.96
C LEU A 18 -13.01 -27.94 -9.96
N THR A 19 -11.82 -28.55 -9.89
CA THR A 19 -10.58 -27.79 -9.94
C THR A 19 -10.39 -27.17 -11.31
N GLY A 20 -10.84 -27.88 -12.34
CA GLY A 20 -10.83 -27.36 -13.70
C GLY A 20 -11.74 -26.16 -13.82
N PHE A 21 -12.90 -26.25 -13.17
CA PHE A 21 -13.85 -25.14 -13.10
C PHE A 21 -13.23 -23.97 -12.34
N LEU A 22 -12.55 -24.29 -11.25
CA LEU A 22 -11.89 -23.28 -10.43
C LEU A 22 -10.78 -22.60 -11.21
N ALA A 23 -10.10 -23.36 -12.07
CA ALA A 23 -9.03 -22.83 -12.90
C ALA A 23 -9.59 -21.91 -13.97
N LEU A 24 -10.78 -22.23 -14.46
CA LEU A 24 -11.45 -21.41 -15.46
C LEU A 24 -11.87 -20.07 -14.88
N VAL A 25 -12.44 -20.10 -13.67
CA VAL A 25 -12.85 -18.89 -12.97
C VAL A 25 -11.64 -17.97 -12.74
N THR A 26 -10.50 -18.59 -12.46
CA THR A 26 -9.27 -17.85 -12.20
C THR A 26 -8.76 -17.13 -13.45
N ILE A 27 -8.73 -17.83 -14.57
CA ILE A 27 -8.15 -17.28 -15.79
C ILE A 27 -9.07 -16.27 -16.48
N ILE A 28 -10.38 -16.46 -16.36
CA ILE A 28 -11.33 -15.50 -16.95
C ILE A 28 -11.47 -14.29 -16.04
N GLY A 29 -11.15 -14.46 -14.76
CA GLY A 29 -11.22 -13.38 -13.81
C GLY A 29 -10.02 -12.46 -13.94
N ASN A 30 -8.86 -13.06 -14.20
CA ASN A 30 -7.63 -12.29 -14.36
C ASN A 30 -7.55 -11.61 -15.72
N ILE A 31 -8.05 -12.26 -16.76
CA ILE A 31 -8.02 -11.68 -18.09
C ILE A 31 -9.04 -10.55 -18.19
N LEU A 32 -10.07 -10.60 -17.34
CA LEU A 32 -11.05 -9.52 -17.28
C LEU A 32 -10.42 -8.28 -16.67
N VAL A 33 -9.52 -8.49 -15.72
CA VAL A 33 -8.80 -7.39 -15.09
C VAL A 33 -7.81 -6.74 -16.07
N ILE A 34 -7.09 -7.59 -16.80
CA ILE A 34 -6.13 -7.11 -17.80
C ILE A 34 -6.82 -6.31 -18.90
N VAL A 35 -7.93 -6.83 -19.39
CA VAL A 35 -8.69 -6.16 -20.44
C VAL A 35 -9.30 -4.85 -19.94
N ALA A 36 -9.92 -4.90 -18.77
CA ALA A 36 -10.57 -3.72 -18.18
C ALA A 36 -9.58 -2.57 -17.98
N PHE A 37 -8.35 -2.90 -17.60
CA PHE A 37 -7.32 -1.90 -17.39
C PHE A 37 -6.91 -1.23 -18.69
N LYS A 38 -7.01 -1.98 -19.79
CA LYS A 38 -6.52 -1.50 -21.08
C LYS A 38 -7.63 -0.94 -21.97
N VAL A 39 -8.84 -0.83 -21.43
CA VAL A 39 -9.96 -0.29 -22.20
C VAL A 39 -10.71 0.82 -21.47
N ASN A 40 -10.49 0.93 -20.16
CA ASN A 40 -11.21 1.91 -19.36
C ASN A 40 -10.59 3.31 -19.44
N LYS A 41 -9.26 3.36 -19.55
CA LYS A 41 -8.48 4.60 -19.55
C LYS A 41 -8.55 5.36 -18.22
N GLN A 42 -9.68 5.23 -17.51
CA GLN A 42 -9.85 5.88 -16.22
C GLN A 42 -9.18 5.07 -15.10
N LEU A 43 -8.71 3.88 -15.46
CA LEU A 43 -8.02 3.02 -14.51
C LEU A 43 -6.54 2.94 -14.81
N LYS A 44 -6.05 3.88 -15.61
CA LYS A 44 -4.64 3.92 -15.98
C LYS A 44 -3.80 4.62 -14.92
N THR A 45 -3.92 4.17 -13.67
CA THR A 45 -3.15 4.73 -12.57
C THR A 45 -2.02 3.79 -12.17
N VAL A 46 -1.28 4.17 -11.14
CA VAL A 46 -0.14 3.37 -10.68
C VAL A 46 -0.58 2.16 -9.87
N ASN A 47 -1.45 2.39 -8.89
CA ASN A 47 -1.92 1.31 -8.02
C ASN A 47 -2.67 0.22 -8.78
N ASN A 48 -3.36 0.60 -9.84
CA ASN A 48 -4.08 -0.35 -10.68
C ASN A 48 -3.12 -1.19 -11.51
N TYR A 49 -1.96 -0.62 -11.83
CA TYR A 49 -0.95 -1.33 -12.60
C TYR A 49 -0.28 -2.40 -11.73
N PHE A 50 -0.25 -2.15 -10.43
CA PHE A 50 0.26 -3.13 -9.48
C PHE A 50 -0.72 -4.30 -9.36
N LEU A 51 -2.01 -3.97 -9.34
CA LEU A 51 -3.05 -4.99 -9.31
C LEU A 51 -3.09 -5.73 -10.64
N LEU A 52 -2.66 -5.04 -11.70
CA LEU A 52 -2.57 -5.65 -13.03
C LEU A 52 -1.54 -6.76 -13.03
N SER A 53 -0.34 -6.45 -12.53
CA SER A 53 0.74 -7.43 -12.45
C SER A 53 0.39 -8.55 -11.49
N LEU A 54 -0.37 -8.22 -10.45
CA LEU A 54 -0.84 -9.23 -9.50
C LEU A 54 -1.82 -10.17 -10.21
N ALA A 55 -2.62 -9.61 -11.10
CA ALA A 55 -3.54 -10.39 -11.91
C ALA A 55 -2.77 -11.20 -12.96
N CYS A 56 -1.64 -10.65 -13.41
CA CYS A 56 -0.78 -11.34 -14.37
C CYS A 56 -0.13 -12.56 -13.74
N ALA A 57 0.32 -12.42 -12.49
CA ALA A 57 0.95 -13.51 -11.77
C ALA A 57 -0.08 -14.58 -11.42
N ASP A 58 -1.31 -14.14 -11.12
CA ASP A 58 -2.38 -15.07 -10.81
C ASP A 58 -2.88 -15.78 -12.06
N LEU A 59 -2.68 -15.16 -13.21
CA LEU A 59 -3.11 -15.72 -14.49
C LEU A 59 -2.21 -16.87 -14.91
N ILE A 60 -0.90 -16.63 -14.90
CA ILE A 60 0.08 -17.62 -15.31
C ILE A 60 0.13 -18.79 -14.31
N ILE A 61 -0.24 -18.53 -13.06
CA ILE A 61 -0.27 -19.56 -12.05
C ILE A 61 -1.63 -20.25 -12.02
N GLY A 62 -2.58 -19.67 -12.75
CA GLY A 62 -3.93 -20.21 -12.80
C GLY A 62 -4.22 -20.93 -14.11
N VAL A 63 -3.29 -20.85 -15.05
CA VAL A 63 -3.46 -21.48 -16.35
C VAL A 63 -2.43 -22.59 -16.55
N ILE A 64 -1.36 -22.56 -15.78
CA ILE A 64 -0.30 -23.56 -15.88
C ILE A 64 -0.20 -24.43 -14.63
N SER A 65 -0.02 -23.77 -13.48
CA SER A 65 0.22 -24.48 -12.22
C SER A 65 -0.99 -25.29 -11.76
N MET A 66 -2.17 -24.69 -11.82
CA MET A 66 -3.39 -25.34 -11.36
C MET A 66 -3.75 -26.53 -12.24
N ASN A 67 -3.39 -26.46 -13.51
CA ASN A 67 -3.71 -27.53 -14.45
C ASN A 67 -2.78 -28.73 -14.31
N LEU A 68 -1.48 -28.44 -14.19
CA LEU A 68 -0.48 -29.50 -14.09
C LEU A 68 -0.53 -30.18 -12.71
N PHE A 69 -0.97 -29.43 -11.70
CA PHE A 69 -1.13 -30.00 -10.37
C PHE A 69 -2.39 -30.85 -10.31
N THR A 70 -3.36 -30.52 -11.15
CA THR A 70 -4.60 -31.29 -11.24
C THR A 70 -4.32 -32.66 -11.81
N THR A 71 -3.48 -32.71 -12.85
CA THR A 71 -3.10 -33.98 -13.47
C THR A 71 -2.20 -34.78 -12.54
N TYR A 72 -1.46 -34.07 -11.69
CA TYR A 72 -0.54 -34.73 -10.74
C TYR A 72 -1.31 -35.51 -9.68
N ILE A 73 -2.42 -34.94 -9.21
CA ILE A 73 -3.22 -35.60 -8.18
C ILE A 73 -4.25 -36.53 -8.82
N ILE A 74 -4.38 -36.45 -10.14
CA ILE A 74 -5.31 -37.31 -10.88
C ILE A 74 -4.72 -38.70 -11.09
N MET A 75 -3.57 -38.75 -11.74
CA MET A 75 -2.88 -40.01 -12.01
C MET A 75 -1.95 -40.39 -10.87
N ASN A 76 -1.90 -39.53 -9.85
CA ASN A 76 -1.07 -39.75 -8.66
C ASN A 76 0.40 -39.94 -8.98
N ARG A 77 0.85 -39.32 -10.08
CA ARG A 77 2.25 -39.42 -10.49
C ARG A 77 2.62 -38.34 -11.50
N TRP A 78 3.89 -38.29 -11.88
CA TRP A 78 4.37 -37.35 -12.88
C TRP A 78 5.06 -38.10 -14.01
N ALA A 79 4.35 -38.31 -15.12
CA ALA A 79 4.87 -39.10 -16.22
C ALA A 79 5.13 -38.28 -17.48
N LEU A 80 5.86 -37.18 -17.33
CA LEU A 80 6.22 -36.35 -18.47
C LEU A 80 7.68 -35.92 -18.40
N GLY A 81 8.52 -36.77 -17.84
CA GLY A 81 9.95 -36.50 -17.76
C GLY A 81 10.32 -35.66 -16.56
N ASN A 82 11.60 -35.30 -16.47
CA ASN A 82 12.09 -34.49 -15.36
C ASN A 82 12.10 -33.01 -15.69
N LEU A 83 12.35 -32.69 -16.96
CA LEU A 83 12.41 -31.30 -17.42
C LEU A 83 11.06 -30.61 -17.26
N ALA A 84 9.98 -31.37 -17.46
CA ALA A 84 8.64 -30.83 -17.31
C ALA A 84 8.36 -30.47 -15.86
N CYS A 85 8.77 -31.34 -14.94
CA CYS A 85 8.58 -31.10 -13.52
C CYS A 85 9.42 -29.93 -13.03
N ASP A 86 10.65 -29.84 -13.51
CA ASP A 86 11.57 -28.78 -13.10
C ASP A 86 11.09 -27.41 -13.58
N LEU A 87 10.64 -27.34 -14.82
CA LEU A 87 10.17 -26.08 -15.40
C LEU A 87 8.82 -25.67 -14.82
N TRP A 88 8.00 -26.66 -14.45
CA TRP A 88 6.71 -26.37 -13.85
C TRP A 88 6.86 -25.72 -12.49
N LEU A 89 7.67 -26.35 -11.62
CA LEU A 89 7.90 -25.82 -10.28
C LEU A 89 8.64 -24.48 -10.33
N SER A 90 9.52 -24.32 -11.31
CA SER A 90 10.27 -23.08 -11.46
C SER A 90 9.34 -21.90 -11.75
N ILE A 91 8.55 -22.04 -12.82
CA ILE A 91 7.59 -21.00 -13.20
C ILE A 91 6.56 -20.76 -12.09
N ASP A 92 6.16 -21.84 -11.44
CA ASP A 92 5.16 -21.77 -10.36
C ASP A 92 5.67 -20.96 -9.17
N TYR A 93 6.85 -21.34 -8.67
CA TYR A 93 7.43 -20.67 -7.51
C TYR A 93 7.82 -19.23 -7.80
N VAL A 94 8.35 -18.98 -8.99
CA VAL A 94 8.73 -17.63 -9.40
C VAL A 94 7.51 -16.71 -9.45
N ALA A 95 6.44 -17.21 -10.07
CA ALA A 95 5.21 -16.43 -10.20
C ALA A 95 4.60 -16.10 -8.84
N SER A 96 4.65 -17.07 -7.94
CA SER A 96 4.10 -16.88 -6.60
C SER A 96 5.00 -15.98 -5.76
N ASN A 97 6.30 -16.06 -5.99
CA ASN A 97 7.25 -15.21 -5.28
C ASN A 97 7.21 -13.79 -5.83
N ALA A 98 6.91 -13.67 -7.12
CA ALA A 98 6.71 -12.37 -7.73
C ALA A 98 5.39 -11.79 -7.28
N SER A 99 4.47 -12.68 -6.89
CA SER A 99 3.17 -12.27 -6.39
C SER A 99 3.26 -11.67 -4.99
N VAL A 100 4.04 -12.32 -4.12
CA VAL A 100 4.18 -11.83 -2.75
C VAL A 100 5.09 -10.61 -2.69
N MET A 101 6.01 -10.50 -3.65
CA MET A 101 6.85 -9.31 -3.73
C MET A 101 6.04 -8.14 -4.26
N ASN A 102 5.11 -8.44 -5.16
CA ASN A 102 4.20 -7.43 -5.68
C ASN A 102 3.31 -6.88 -4.55
N LEU A 103 2.88 -7.77 -3.67
CA LEU A 103 2.10 -7.37 -2.50
C LEU A 103 2.95 -6.49 -1.58
N LEU A 104 4.23 -6.81 -1.48
CA LEU A 104 5.16 -5.99 -0.73
C LEU A 104 5.31 -4.62 -1.40
N VAL A 105 5.39 -4.63 -2.73
CA VAL A 105 5.49 -3.39 -3.49
C VAL A 105 4.29 -2.49 -3.23
N ILE A 106 3.09 -3.06 -3.32
CA ILE A 106 1.87 -2.31 -3.07
C ILE A 106 1.83 -1.78 -1.65
N SER A 107 2.26 -2.59 -0.70
CA SER A 107 2.29 -2.21 0.71
C SER A 107 3.21 -1.01 0.94
N PHE A 108 4.41 -1.07 0.38
CA PHE A 108 5.35 0.03 0.50
C PHE A 108 4.99 1.19 -0.42
N ASP A 109 4.16 0.91 -1.42
CA ASP A 109 3.74 1.94 -2.37
C ASP A 109 2.95 3.04 -1.70
N ARG A 110 1.78 2.67 -1.18
CA ARG A 110 0.88 3.64 -0.57
C ARG A 110 1.28 3.98 0.85
N TYR A 111 2.34 3.36 1.35
CA TYR A 111 2.92 3.74 2.64
C TYR A 111 3.92 4.87 2.44
N PHE A 112 4.66 4.79 1.35
CA PHE A 112 5.59 5.85 0.99
C PHE A 112 4.82 7.06 0.45
N SER A 113 3.57 6.84 0.07
CA SER A 113 2.69 7.91 -0.37
C SER A 113 2.22 8.73 0.83
N ILE A 114 2.37 8.15 2.01
CA ILE A 114 2.02 8.79 3.27
C ILE A 114 3.22 9.46 3.93
N THR A 115 4.27 8.68 4.17
CA THR A 115 5.46 9.17 4.85
C THR A 115 6.32 10.05 3.95
N ARG A 116 6.28 9.81 2.64
CA ARG A 116 7.06 10.59 1.70
C ARG A 116 6.18 11.27 0.65
N PRO A 117 5.57 12.40 1.00
CA PRO A 117 4.66 13.13 0.12
C PRO A 117 5.36 13.75 -1.09
N LEU A 118 6.67 13.97 -0.98
CA LEU A 118 7.42 14.61 -2.04
C LEU A 118 8.40 13.65 -2.70
N THR A 119 9.10 12.86 -1.88
CA THR A 119 10.13 11.96 -2.37
C THR A 119 9.54 10.83 -3.22
N TYR A 120 8.39 10.31 -2.81
CA TYR A 120 7.77 9.18 -3.50
C TYR A 120 6.42 9.54 -4.11
N ARG A 121 5.54 10.14 -3.32
CA ARG A 121 4.19 10.48 -3.76
C ARG A 121 4.19 11.46 -4.93
N ALA A 122 5.03 12.47 -4.85
CA ALA A 122 5.09 13.50 -5.88
C ALA A 122 6.03 13.10 -7.02
N LYS A 123 6.47 11.85 -7.01
CA LYS A 123 7.36 11.34 -8.06
C LYS A 123 7.11 9.85 -8.30
N ARG A 124 6.02 9.54 -9.00
CA ARG A 124 5.66 8.16 -9.29
C ARG A 124 4.86 8.05 -10.58
N THR A 125 5.43 7.36 -11.57
CA THR A 125 4.76 7.17 -12.85
C THR A 125 4.50 5.69 -13.13
N THR A 126 3.89 5.41 -14.27
CA THR A 126 3.65 4.03 -14.68
C THR A 126 4.96 3.38 -15.12
N LYS A 127 5.90 4.21 -15.57
CA LYS A 127 7.21 3.74 -15.98
C LYS A 127 8.01 3.24 -14.78
N ARG A 128 7.94 3.99 -13.68
CA ARG A 128 8.60 3.60 -12.45
C ARG A 128 8.00 2.32 -11.88
N ALA A 129 6.70 2.16 -12.07
CA ALA A 129 6.00 0.97 -11.60
C ALA A 129 6.47 -0.27 -12.34
N GLY A 130 6.65 -0.12 -13.66
CA GLY A 130 7.13 -1.21 -14.49
C GLY A 130 8.54 -1.64 -14.12
N VAL A 131 9.34 -0.69 -13.66
CA VAL A 131 10.70 -0.97 -13.23
C VAL A 131 10.69 -1.77 -11.92
N MET A 132 9.88 -1.32 -10.97
CA MET A 132 9.76 -1.99 -9.68
C MET A 132 9.19 -3.40 -9.83
N ILE A 133 8.19 -3.54 -10.68
CA ILE A 133 7.59 -4.84 -10.95
C ILE A 133 8.55 -5.73 -11.73
N GLY A 134 9.19 -5.15 -12.75
CA GLY A 134 10.18 -5.87 -13.52
C GLY A 134 11.32 -6.34 -12.65
N LEU A 135 11.71 -5.51 -11.69
CA LEU A 135 12.75 -5.86 -10.74
C LEU A 135 12.32 -7.01 -9.85
N ALA A 136 11.05 -7.01 -9.46
CA ALA A 136 10.50 -8.04 -8.60
C ALA A 136 10.53 -9.41 -9.30
N TRP A 137 10.16 -9.43 -10.58
CA TRP A 137 10.17 -10.68 -11.33
C TRP A 137 11.60 -11.18 -11.56
N VAL A 138 12.53 -10.25 -11.74
CA VAL A 138 13.94 -10.61 -11.92
C VAL A 138 14.50 -11.24 -10.66
N ILE A 139 14.21 -10.62 -9.51
CA ILE A 139 14.66 -11.15 -8.23
C ILE A 139 14.07 -12.54 -7.97
N SER A 140 12.77 -12.67 -8.17
CA SER A 140 12.08 -13.96 -7.99
C SER A 140 12.64 -15.01 -8.93
N PHE A 141 13.06 -14.58 -10.12
CA PHE A 141 13.65 -15.49 -11.10
C PHE A 141 15.00 -16.01 -10.60
N VAL A 142 15.89 -15.10 -10.23
CA VAL A 142 17.23 -15.46 -9.79
C VAL A 142 17.21 -16.30 -8.50
N LEU A 143 16.22 -16.04 -7.65
CA LEU A 143 16.12 -16.73 -6.38
C LEU A 143 15.71 -18.20 -6.53
N TRP A 144 14.84 -18.48 -7.50
CA TRP A 144 14.25 -19.81 -7.61
C TRP A 144 14.72 -20.61 -8.82
N ALA A 145 14.73 -19.99 -10.00
CA ALA A 145 15.01 -20.71 -11.25
C ALA A 145 16.39 -21.38 -11.27
N PRO A 146 17.47 -20.64 -10.95
CA PRO A 146 18.76 -21.34 -10.95
C PRO A 146 18.90 -22.28 -9.75
N ALA A 147 18.16 -21.99 -8.68
CA ALA A 147 18.22 -22.78 -7.47
C ALA A 147 17.62 -24.17 -7.67
N ILE A 148 16.67 -24.27 -8.60
CA ILE A 148 16.01 -25.54 -8.88
C ILE A 148 16.72 -26.33 -9.98
N LEU A 149 16.91 -25.68 -11.12
CA LEU A 149 17.50 -26.32 -12.28
C LEU A 149 18.96 -26.72 -12.05
N PHE A 150 19.77 -25.75 -11.62
CA PHE A 150 21.20 -25.97 -11.44
C PHE A 150 21.56 -26.61 -10.11
N TRP A 151 20.59 -27.27 -9.46
CA TRP A 151 20.86 -27.95 -8.20
C TRP A 151 21.18 -29.42 -8.45
N GLN A 152 20.46 -30.03 -9.40
CA GLN A 152 20.72 -31.40 -9.79
C GLN A 152 22.01 -31.47 -10.61
N TYR A 153 22.45 -30.31 -11.09
CA TYR A 153 23.73 -30.20 -11.79
C TYR A 153 24.81 -29.69 -10.84
N PHE A 154 24.44 -29.50 -9.58
CA PHE A 154 25.38 -29.05 -8.56
C PHE A 154 25.79 -30.22 -7.67
N VAL A 155 24.80 -30.92 -7.14
CA VAL A 155 25.05 -32.09 -6.29
C VAL A 155 25.69 -33.21 -7.11
N GLY A 156 25.10 -33.49 -8.27
CA GLY A 156 25.61 -34.53 -9.15
C GLY A 156 24.50 -35.42 -9.69
N LYS A 157 23.67 -35.92 -8.79
CA LYS A 157 22.57 -36.80 -9.17
C LYS A 157 21.22 -36.24 -8.72
N ARG A 158 20.17 -36.61 -9.44
CA ARG A 158 18.82 -36.16 -9.11
C ARG A 158 18.20 -37.02 -8.02
N THR A 159 17.58 -36.38 -7.04
CA THR A 159 16.96 -37.09 -5.93
C THR A 159 15.51 -37.48 -6.26
N VAL A 160 14.83 -36.63 -7.01
CA VAL A 160 13.44 -36.87 -7.39
C VAL A 160 13.34 -38.07 -8.35
N PRO A 161 12.64 -39.13 -7.91
CA PRO A 161 12.49 -40.36 -8.69
C PRO A 161 11.42 -40.24 -9.78
N PRO A 162 11.58 -40.99 -10.87
CA PRO A 162 10.57 -41.02 -11.95
C PRO A 162 9.23 -41.56 -11.44
N GLY A 163 8.25 -40.66 -11.31
CA GLY A 163 6.95 -41.02 -10.80
C GLY A 163 6.44 -39.99 -9.81
N GLU A 164 7.33 -39.08 -9.42
CA GLU A 164 6.97 -37.99 -8.51
C GLU A 164 7.50 -36.67 -9.05
N CYS A 165 7.11 -35.58 -8.38
CA CYS A 165 7.57 -34.26 -8.77
C CYS A 165 7.58 -33.31 -7.58
N PHE A 166 8.78 -33.04 -7.06
CA PHE A 166 8.95 -32.12 -5.94
C PHE A 166 10.28 -31.39 -6.03
N ILE A 167 10.64 -30.68 -4.97
CA ILE A 167 11.88 -29.91 -4.94
C ILE A 167 12.98 -30.65 -4.18
N GLN A 168 14.15 -30.77 -4.80
CA GLN A 168 15.25 -31.52 -4.23
C GLN A 168 15.87 -30.83 -3.02
N PHE A 169 16.08 -29.52 -3.10
CA PHE A 169 16.73 -28.79 -2.03
C PHE A 169 15.77 -28.43 -0.90
N LEU A 170 14.52 -28.90 -1.02
CA LEU A 170 13.55 -28.75 0.05
C LEU A 170 13.25 -30.12 0.66
N SER A 171 14.24 -31.00 0.64
CA SER A 171 14.11 -32.33 1.21
C SER A 171 13.92 -32.26 2.73
N GLU A 172 14.84 -31.56 3.40
CA GLU A 172 14.76 -31.36 4.83
C GLU A 172 13.62 -30.41 5.19
N PRO A 173 12.91 -30.70 6.29
CA PRO A 173 11.82 -29.85 6.77
C PRO A 173 12.33 -28.59 7.46
N THR A 174 13.61 -28.58 7.80
CA THR A 174 14.22 -27.42 8.46
C THR A 174 14.47 -26.30 7.45
N ILE A 175 15.11 -26.65 6.35
CA ILE A 175 15.40 -25.68 5.29
C ILE A 175 14.11 -25.23 4.62
N THR A 176 13.10 -26.09 4.64
CA THR A 176 11.79 -25.76 4.07
C THR A 176 11.07 -24.75 4.96
N PHE A 177 11.18 -24.94 6.28
CA PHE A 177 10.57 -24.03 7.24
C PHE A 177 11.29 -22.69 7.27
N GLY A 178 12.60 -22.72 7.07
CA GLY A 178 13.40 -21.50 7.01
C GLY A 178 13.03 -20.66 5.81
N THR A 179 12.78 -21.33 4.68
CA THR A 179 12.35 -20.64 3.47
C THR A 179 10.94 -20.08 3.66
N ALA A 180 10.11 -20.81 4.40
CA ALA A 180 8.74 -20.39 4.66
C ALA A 180 8.72 -19.11 5.50
N ILE A 181 9.67 -18.99 6.41
CA ILE A 181 9.79 -17.80 7.24
C ILE A 181 10.23 -16.59 6.42
N ALA A 182 11.29 -16.77 5.65
CA ALA A 182 11.90 -15.68 4.90
C ALA A 182 11.11 -15.27 3.66
N ALA A 183 10.18 -16.12 3.23
CA ALA A 183 9.42 -15.84 2.01
C ALA A 183 7.93 -15.63 2.26
N PHE A 184 7.46 -16.01 3.45
CA PHE A 184 6.05 -15.84 3.77
C PHE A 184 5.82 -15.12 5.11
N TYR A 185 6.34 -15.69 6.19
CA TYR A 185 6.16 -15.12 7.52
C TYR A 185 6.69 -13.70 7.62
N MET A 186 7.87 -13.46 7.06
CA MET A 186 8.47 -12.14 7.07
C MET A 186 7.71 -11.12 6.20
N PRO A 187 7.34 -11.49 4.96
CA PRO A 187 6.52 -10.53 4.21
C PRO A 187 5.16 -10.26 4.86
N VAL A 188 4.55 -11.28 5.46
CA VAL A 188 3.24 -11.13 6.08
C VAL A 188 3.29 -10.14 7.24
N THR A 189 4.25 -10.31 8.13
CA THR A 189 4.40 -9.42 9.28
C THR A 189 4.65 -7.99 8.84
N ILE A 190 5.44 -7.80 7.79
CA ILE A 190 5.71 -6.48 7.25
C ILE A 190 4.44 -5.83 6.70
N MET A 191 3.75 -6.55 5.82
CA MET A 191 2.51 -6.05 5.22
C MET A 191 1.46 -5.78 6.29
N THR A 192 1.48 -6.58 7.36
CA THR A 192 0.56 -6.38 8.47
C THR A 192 0.88 -5.10 9.22
N ILE A 193 2.15 -4.92 9.55
CA ILE A 193 2.61 -3.71 10.23
C ILE A 193 2.32 -2.47 9.39
N LEU A 194 2.66 -2.54 8.11
CA LEU A 194 2.44 -1.42 7.20
C LEU A 194 0.96 -1.08 7.08
N TYR A 195 0.11 -2.09 6.96
CA TYR A 195 -1.33 -1.89 6.80
C TYR A 195 -1.94 -1.18 8.00
N TRP A 196 -1.48 -1.55 9.19
CA TRP A 196 -1.98 -0.93 10.42
C TRP A 196 -1.31 0.42 10.65
N ARG A 197 -0.32 0.74 9.82
CA ARG A 197 0.30 2.07 9.84
C ARG A 197 -0.21 2.89 8.67
N ILE A 198 -1.12 2.30 7.90
CA ILE A 198 -1.78 3.00 6.80
C ILE A 198 -3.21 3.37 7.20
N TYR A 199 -3.92 2.41 7.79
CA TYR A 199 -5.29 2.60 8.23
C TYR A 199 -5.39 3.71 9.29
N LYS A 200 -4.32 3.90 10.05
CA LYS A 200 -4.28 4.94 11.07
C LYS A 200 -3.73 6.25 10.51
N GLU A 201 -2.98 6.15 9.42
CA GLU A 201 -2.31 7.33 8.85
C GLU A 201 -2.78 7.65 7.42
N THR A 202 -4.03 7.32 7.11
CA THR A 202 -4.56 7.62 5.78
C THR A 202 -5.15 9.02 5.74
N GLU A 203 -5.61 9.50 6.90
CA GLU A 203 -6.24 10.81 7.00
C GLU A 203 -5.23 11.95 6.84
N LYS A 204 -3.96 11.65 7.09
CA LYS A 204 -2.90 12.67 7.04
C LYS A 204 -2.43 12.92 5.61
N MET A 205 -2.76 12.01 4.71
CA MET A 205 -2.34 12.14 3.31
C MET A 205 -2.97 13.36 2.66
N ASN A 206 -4.26 13.58 2.95
CA ASN A 206 -4.97 14.73 2.42
C ASN A 206 -4.73 15.99 3.26
N CYS A 207 -4.30 15.79 4.50
CA CYS A 207 -3.89 16.91 5.35
C CYS A 207 -2.71 17.65 4.74
N PHE A 208 -1.90 16.92 3.97
CA PHE A 208 -0.71 17.47 3.35
C PHE A 208 -1.00 18.34 2.13
N GLU A 209 -1.92 17.87 1.28
CA GLU A 209 -2.22 18.55 0.03
C GLU A 209 -2.79 19.95 0.26
N MET A 210 -3.45 20.14 1.40
CA MET A 210 -3.96 21.44 1.79
C MET A 210 -2.81 22.40 2.10
N LEU A 211 -1.81 21.89 2.82
CA LEU A 211 -0.68 22.71 3.24
C LEU A 211 0.28 22.99 2.09
N ARG A 212 0.14 22.24 1.00
CA ARG A 212 0.99 22.45 -0.16
C ARG A 212 0.43 23.57 -1.03
N ILE A 213 -0.88 23.79 -0.94
CA ILE A 213 -1.55 24.84 -1.70
C ILE A 213 -1.44 26.18 -0.98
N ASP A 214 -1.72 26.19 0.32
CA ASP A 214 -1.68 27.40 1.12
C ASP A 214 -0.25 27.90 1.32
N GLU A 215 0.60 27.05 1.88
CA GLU A 215 1.98 27.43 2.17
C GLU A 215 2.85 27.41 0.91
N GLY A 216 2.83 26.29 0.20
CA GLY A 216 3.61 26.14 -1.01
C GLY A 216 4.89 25.37 -0.80
N LEU A 217 5.68 25.19 -1.85
CA LEU A 217 6.92 24.45 -1.77
C LEU A 217 8.08 25.22 -2.41
N ARG A 218 9.17 25.34 -1.65
CA ARG A 218 10.37 26.01 -2.15
C ARG A 218 11.61 25.61 -1.34
N LEU A 219 12.74 25.51 -2.02
CA LEU A 219 14.00 25.13 -1.37
C LEU A 219 14.71 26.34 -0.78
N LYS A 220 14.57 27.49 -1.43
CA LYS A 220 15.18 28.73 -0.94
C LYS A 220 14.42 29.32 0.24
N ILE A 221 14.91 30.45 0.74
CA ILE A 221 14.26 31.14 1.84
C ILE A 221 13.52 32.39 1.34
N TYR A 222 12.21 32.41 1.56
CA TYR A 222 11.38 33.52 1.09
C TYR A 222 10.67 34.21 2.24
N LYS A 223 9.46 34.71 1.97
CA LYS A 223 8.65 35.35 2.99
C LYS A 223 7.17 35.07 2.75
N ASP A 224 6.42 34.93 3.85
CA ASP A 224 5.00 34.62 3.76
C ASP A 224 4.18 35.78 3.19
N CYS A 225 2.87 35.68 3.31
CA CYS A 225 1.97 36.73 2.88
C CYS A 225 1.94 37.89 3.87
N GLU A 226 3.10 38.18 4.46
CA GLU A 226 3.24 39.21 5.49
C GLU A 226 4.70 39.58 5.71
N GLY A 227 5.60 38.82 5.09
CA GLY A 227 7.02 39.11 5.17
C GLY A 227 7.74 38.40 6.31
N TYR A 228 7.43 37.12 6.49
CA TYR A 228 8.07 36.32 7.54
C TYR A 228 8.90 35.19 6.93
N TYR A 229 10.13 35.03 7.39
CA TYR A 229 11.04 34.02 6.86
C TYR A 229 10.49 32.61 6.96
N THR A 230 10.52 31.89 5.85
CA THR A 230 9.97 30.54 5.80
C THR A 230 10.64 29.70 4.70
N ILE A 231 11.05 28.49 5.06
CA ILE A 231 11.65 27.57 4.11
C ILE A 231 10.85 26.26 4.06
N GLY A 232 10.94 25.56 2.93
CA GLY A 232 10.24 24.30 2.77
C GLY A 232 8.76 24.49 2.55
N ILE A 233 7.95 23.78 3.34
CA ILE A 233 6.51 23.87 3.23
C ILE A 233 5.90 24.52 4.47
N GLY A 234 5.87 25.85 4.47
CA GLY A 234 5.25 26.60 5.56
C GLY A 234 5.94 26.48 6.90
N HIS A 235 7.25 26.30 6.90
CA HIS A 235 8.01 26.24 8.14
C HIS A 235 8.64 27.58 8.46
N LEU A 236 7.98 28.36 9.30
CA LEU A 236 8.49 29.67 9.69
C LEU A 236 9.75 29.55 10.55
N LEU A 237 10.89 29.92 9.96
CA LEU A 237 12.16 29.87 10.68
C LEU A 237 12.19 30.89 11.81
N THR A 238 11.85 32.13 11.49
CA THR A 238 11.82 33.21 12.48
C THR A 238 10.78 34.26 12.11
N LYS A 239 10.67 35.29 12.93
CA LYS A 239 9.71 36.36 12.70
C LYS A 239 10.42 37.69 12.47
N SER A 240 11.66 37.78 12.93
CA SER A 240 12.45 39.00 12.77
C SER A 240 12.98 39.11 11.35
N PRO A 241 13.04 40.35 10.83
CA PRO A 241 13.52 40.62 9.47
C PRO A 241 15.05 40.56 9.35
N SER A 242 15.67 39.63 10.06
CA SER A 242 17.12 39.46 10.00
C SER A 242 17.48 38.11 9.41
N LEU A 243 18.28 38.13 8.33
CA LEU A 243 18.63 36.91 7.62
C LEU A 243 19.68 36.08 8.36
N ASN A 244 20.58 36.77 9.06
CA ASN A 244 21.67 36.10 9.77
C ASN A 244 21.19 35.11 10.82
N ALA A 245 20.11 35.46 11.51
CA ALA A 245 19.55 34.60 12.54
C ALA A 245 18.52 33.64 11.97
N ALA A 246 18.06 33.94 10.75
CA ALA A 246 17.09 33.10 10.07
C ALA A 246 17.71 31.76 9.67
N LYS A 247 18.92 31.82 9.13
CA LYS A 247 19.64 30.61 8.73
C LYS A 247 20.13 29.85 9.96
N SER A 248 20.32 30.56 11.07
CA SER A 248 20.77 29.96 12.32
C SER A 248 19.74 28.98 12.86
N GLU A 249 18.47 29.29 12.66
CA GLU A 249 17.38 28.40 13.07
C GLU A 249 17.20 27.30 12.05
N LEU A 250 17.55 27.60 10.80
CA LEU A 250 17.46 26.62 9.72
C LEU A 250 18.46 25.50 9.92
N ASP A 251 19.70 25.86 10.22
CA ASP A 251 20.76 24.89 10.43
C ASP A 251 20.54 24.13 11.74
N LYS A 252 19.75 24.71 12.63
CA LYS A 252 19.43 24.09 13.91
C LYS A 252 18.48 22.91 13.72
N ALA A 253 17.70 22.96 12.64
CA ALA A 253 16.72 21.91 12.36
C ALA A 253 17.29 20.84 11.43
N ILE A 254 18.22 21.24 10.57
CA ILE A 254 18.84 20.31 9.63
C ILE A 254 19.94 19.49 10.30
N GLY A 255 21.05 20.15 10.64
CA GLY A 255 22.16 19.48 11.27
C GLY A 255 23.51 19.89 10.71
N ARG A 256 23.47 20.68 9.64
CA ARG A 256 24.70 21.14 9.00
C ARG A 256 24.51 22.50 8.34
N ASN A 257 25.61 23.11 7.89
CA ASN A 257 25.56 24.41 7.25
C ASN A 257 24.95 24.35 5.86
N THR A 258 23.64 24.60 5.78
CA THR A 258 22.93 24.59 4.50
C THR A 258 23.22 25.85 3.70
N ASN A 259 23.65 26.89 4.39
CA ASN A 259 24.00 28.18 3.78
C ASN A 259 22.85 28.80 2.97
N GLY A 260 21.61 28.46 3.34
CA GLY A 260 20.45 29.02 2.69
C GLY A 260 19.44 28.00 2.20
N VAL A 261 19.82 27.22 1.19
CA VAL A 261 18.90 26.30 0.55
C VAL A 261 18.98 24.89 1.13
N ILE A 262 17.92 24.11 0.91
CA ILE A 262 17.88 22.72 1.35
C ILE A 262 17.48 21.81 0.19
N THR A 263 17.32 20.51 0.48
CA THR A 263 16.99 19.54 -0.55
C THR A 263 15.49 19.24 -0.57
N LYS A 264 15.11 18.23 -1.34
CA LYS A 264 13.71 17.84 -1.47
C LYS A 264 13.30 16.89 -0.36
N ASP A 265 14.28 16.20 0.22
CA ASP A 265 14.04 15.25 1.30
C ASP A 265 14.07 15.94 2.66
N GLU A 266 14.90 16.98 2.77
CA GLU A 266 15.01 17.73 4.01
C GLU A 266 13.74 18.55 4.26
N ALA A 267 13.21 19.16 3.20
CA ALA A 267 11.98 19.92 3.29
C ALA A 267 10.81 19.02 3.66
N GLU A 268 10.84 17.78 3.16
CA GLU A 268 9.83 16.79 3.46
C GLU A 268 9.88 16.39 4.94
N LYS A 269 11.09 16.27 5.46
CA LYS A 269 11.30 15.88 6.85
C LYS A 269 10.85 16.97 7.82
N LEU A 270 11.23 18.21 7.51
CA LEU A 270 10.88 19.35 8.36
C LEU A 270 9.38 19.61 8.35
N PHE A 271 8.72 19.17 7.29
CA PHE A 271 7.27 19.32 7.18
C PHE A 271 6.56 18.44 8.21
N ASN A 272 6.98 17.18 8.28
CA ASN A 272 6.36 16.24 9.20
C ASN A 272 6.64 16.57 10.66
N GLN A 273 7.73 17.28 10.91
CA GLN A 273 8.08 17.69 12.27
C GLN A 273 7.14 18.76 12.80
N ASP A 274 6.54 19.52 11.89
CA ASP A 274 5.63 20.60 12.27
C ASP A 274 4.18 20.13 12.28
N VAL A 275 3.87 19.12 11.49
CA VAL A 275 2.52 18.55 11.44
C VAL A 275 2.22 17.73 12.70
N ASP A 276 3.15 16.85 13.05
CA ASP A 276 3.00 16.04 14.25
C ASP A 276 3.03 16.90 15.50
N ALA A 277 3.80 17.99 15.46
CA ALA A 277 3.87 18.93 16.57
C ALA A 277 2.56 19.69 16.70
N ALA A 278 1.87 19.87 15.58
CA ALA A 278 0.59 20.56 15.57
C ALA A 278 -0.51 19.67 16.14
N VAL A 279 -0.56 18.42 15.66
CA VAL A 279 -1.55 17.46 16.12
C VAL A 279 -1.37 17.14 17.60
N ARG A 280 -0.13 16.96 18.03
CA ARG A 280 0.17 16.72 19.44
C ARG A 280 0.02 18.01 20.23
N GLY A 281 -0.05 19.14 19.54
CA GLY A 281 -0.29 20.42 20.16
C GLY A 281 -1.77 20.67 20.31
N ILE A 282 -2.57 19.92 19.54
CA ILE A 282 -4.02 20.01 19.63
C ILE A 282 -4.54 19.14 20.77
N LEU A 283 -4.09 17.90 20.81
CA LEU A 283 -4.52 16.96 21.85
C LEU A 283 -4.08 17.42 23.24
N ARG A 284 -2.89 18.01 23.32
CA ARG A 284 -2.37 18.52 24.58
C ARG A 284 -3.17 19.72 25.08
N ASN A 285 -3.54 20.60 24.16
CA ASN A 285 -4.31 21.80 24.49
C ASN A 285 -5.72 21.45 24.93
N ALA A 286 -6.16 22.04 26.04
CA ALA A 286 -7.45 21.71 26.63
C ALA A 286 -8.63 22.30 25.86
N LYS A 287 -8.34 23.29 25.01
CA LYS A 287 -9.39 23.97 24.26
C LYS A 287 -9.44 23.51 22.80
N LEU A 288 -8.48 22.68 22.41
CA LEU A 288 -8.41 22.18 21.04
C LEU A 288 -8.76 20.69 20.96
N LYS A 289 -8.47 19.96 22.04
CA LYS A 289 -8.72 18.53 22.08
C LYS A 289 -10.21 18.15 21.97
N PRO A 290 -11.11 18.82 22.72
CA PRO A 290 -12.50 18.41 22.55
C PRO A 290 -13.09 18.84 21.21
N VAL A 291 -12.56 19.93 20.65
CA VAL A 291 -13.02 20.41 19.35
C VAL A 291 -12.58 19.44 18.24
N TYR A 292 -11.35 18.96 18.35
CA TYR A 292 -10.81 18.02 17.37
C TYR A 292 -11.57 16.70 17.38
N ASP A 293 -12.09 16.32 18.55
CA ASP A 293 -12.81 15.08 18.70
C ASP A 293 -14.30 15.25 18.38
N SER A 294 -14.71 16.50 18.16
CA SER A 294 -16.10 16.79 17.85
C SER A 294 -16.33 16.98 16.35
N LEU A 295 -15.23 17.09 15.61
CA LEU A 295 -15.29 17.28 14.17
C LEU A 295 -15.02 15.96 13.43
N ASP A 296 -15.48 15.88 12.19
CA ASP A 296 -15.24 14.71 11.36
C ASP A 296 -13.81 14.71 10.84
N ALA A 297 -13.36 13.56 10.34
CA ALA A 297 -11.98 13.39 9.89
C ALA A 297 -11.62 14.33 8.74
N VAL A 298 -12.63 14.76 7.99
CA VAL A 298 -12.44 15.67 6.87
C VAL A 298 -12.25 17.10 7.37
N ARG A 299 -13.00 17.47 8.41
CA ARG A 299 -12.93 18.81 8.98
C ARG A 299 -11.70 19.00 9.86
N ARG A 300 -10.98 17.91 10.11
CA ARG A 300 -9.84 17.94 11.03
C ARG A 300 -8.60 18.58 10.42
N CYS A 301 -8.31 18.25 9.16
CA CYS A 301 -7.14 18.84 8.48
C CYS A 301 -7.28 20.35 8.37
N ALA A 302 -8.52 20.83 8.29
CA ALA A 302 -8.79 22.26 8.21
C ALA A 302 -8.38 22.96 9.51
N LEU A 303 -8.68 22.32 10.63
CA LEU A 303 -8.29 22.85 11.94
C LEU A 303 -6.77 22.80 12.11
N ILE A 304 -6.16 21.74 11.61
CA ILE A 304 -4.71 21.57 11.66
C ILE A 304 -4.02 22.67 10.88
N ASN A 305 -4.60 23.05 9.75
CA ASN A 305 -4.06 24.12 8.91
C ASN A 305 -3.91 25.42 9.67
N MET A 306 -4.81 25.66 10.63
CA MET A 306 -4.73 26.84 11.48
C MET A 306 -3.63 26.69 12.52
N VAL A 307 -3.53 25.49 13.09
CA VAL A 307 -2.53 25.20 14.11
C VAL A 307 -1.13 25.11 13.50
N PHE A 308 -1.07 24.59 12.28
CA PHE A 308 0.20 24.48 11.55
C PHE A 308 0.83 25.85 11.29
N GLN A 309 -0.02 26.87 11.21
CA GLN A 309 0.45 28.22 10.92
C GLN A 309 0.57 29.06 12.19
N MET A 310 -0.56 29.32 12.84
CA MET A 310 -0.59 30.19 14.01
C MET A 310 0.07 29.54 15.23
N GLY A 311 -0.28 28.28 15.47
CA GLY A 311 0.24 27.55 16.61
C GLY A 311 -0.87 27.12 17.56
N GLU A 312 -0.51 26.36 18.58
CA GLU A 312 -1.48 25.88 19.56
C GLU A 312 -2.11 27.05 20.32
N THR A 313 -1.33 28.09 20.54
CA THR A 313 -1.81 29.27 21.27
C THR A 313 -2.68 30.17 20.39
N GLY A 314 -2.24 30.35 19.14
CA GLY A 314 -2.95 31.21 18.21
C GLY A 314 -4.38 30.78 17.95
N VAL A 315 -4.62 29.47 17.96
CA VAL A 315 -5.95 28.93 17.74
C VAL A 315 -6.72 28.89 19.06
N ALA A 316 -5.98 28.88 20.17
CA ALA A 316 -6.58 28.88 21.50
C ALA A 316 -7.13 30.25 21.88
N GLY A 317 -6.91 31.23 21.00
CA GLY A 317 -7.39 32.59 21.24
C GLY A 317 -8.74 32.84 20.62
N PHE A 318 -9.30 31.82 19.97
CA PHE A 318 -10.61 31.93 19.35
C PHE A 318 -11.66 31.18 20.17
N THR A 319 -12.08 31.78 21.28
CA THR A 319 -13.03 31.14 22.18
C THR A 319 -14.41 31.00 21.55
N ASN A 320 -14.94 32.10 21.03
CA ASN A 320 -16.27 32.12 20.42
C ASN A 320 -16.37 31.23 19.19
N SER A 321 -15.23 30.99 18.55
CA SER A 321 -15.18 30.21 17.32
C SER A 321 -15.26 28.70 17.58
N LEU A 322 -14.46 28.24 18.53
CA LEU A 322 -14.39 26.82 18.84
C LEU A 322 -15.68 26.30 19.46
N ARG A 323 -16.42 27.19 20.11
CA ARG A 323 -17.71 26.84 20.71
C ARG A 323 -18.74 26.50 19.64
N MET A 324 -18.70 27.23 18.53
CA MET A 324 -19.66 27.03 17.44
C MET A 324 -19.32 25.80 16.61
N LEU A 325 -18.04 25.44 16.58
CA LEU A 325 -17.59 24.28 15.83
C LEU A 325 -18.11 22.98 16.44
N GLN A 326 -18.13 22.93 17.78
CA GLN A 326 -18.61 21.76 18.50
C GLN A 326 -20.13 21.68 18.45
N GLN A 327 -20.78 22.83 18.45
CA GLN A 327 -22.24 22.90 18.45
C GLN A 327 -22.81 22.87 17.03
N LYS A 328 -21.99 22.46 16.07
CA LYS A 328 -22.39 22.32 14.67
C LYS A 328 -22.93 23.61 14.06
N ARG A 329 -22.55 24.74 14.63
CA ARG A 329 -22.94 26.04 14.11
C ARG A 329 -21.95 26.49 13.03
N TRP A 330 -22.01 25.80 11.89
CA TRP A 330 -21.03 26.00 10.83
C TRP A 330 -21.13 27.38 10.17
N ASP A 331 -22.32 27.71 9.69
CA ASP A 331 -22.54 28.99 9.03
C ASP A 331 -22.41 30.16 9.99
N GLU A 332 -22.66 29.90 11.27
CA GLU A 332 -22.54 30.93 12.30
C GLU A 332 -21.07 31.14 12.68
N ALA A 333 -20.25 30.12 12.44
CA ALA A 333 -18.82 30.21 12.73
C ALA A 333 -18.04 30.64 11.48
N ALA A 334 -18.70 30.57 10.33
CA ALA A 334 -18.08 30.98 9.08
C ALA A 334 -17.88 32.48 9.03
N VAL A 335 -18.84 33.21 9.60
CA VAL A 335 -18.76 34.68 9.64
C VAL A 335 -18.01 35.11 10.89
N ASN A 336 -17.92 34.22 11.86
CA ASN A 336 -17.24 34.51 13.13
C ASN A 336 -15.72 34.52 12.96
N LEU A 337 -15.24 33.81 11.95
CA LEU A 337 -13.80 33.75 11.68
C LEU A 337 -13.38 34.80 10.66
N ALA A 338 -14.36 35.49 10.08
CA ALA A 338 -14.08 36.52 9.09
C ALA A 338 -13.82 37.87 9.74
N LYS A 339 -13.66 37.87 11.06
CA LYS A 339 -13.40 39.09 11.80
C LYS A 339 -12.14 38.96 12.64
N SER A 340 -11.02 38.61 12.01
CA SER A 340 -9.77 38.40 12.72
C SER A 340 -8.56 38.88 11.90
N ARG A 341 -7.43 39.01 12.58
CA ARG A 341 -6.18 39.42 11.94
C ARG A 341 -5.75 38.40 10.87
N TRP A 342 -6.02 37.13 11.15
CA TRP A 342 -5.72 36.05 10.22
C TRP A 342 -6.53 36.19 8.93
N TYR A 343 -7.74 36.71 9.06
CA TYR A 343 -8.62 36.87 7.91
C TYR A 343 -8.28 38.15 7.16
N ASN A 344 -7.47 39.02 7.77
CA ASN A 344 -7.11 40.29 7.16
C ASN A 344 -5.68 40.30 6.60
N GLN A 345 -4.74 39.74 7.35
CA GLN A 345 -3.34 39.73 6.94
C GLN A 345 -3.12 38.83 5.72
N CYS A 346 -3.55 37.57 5.84
CA CYS A 346 -3.45 36.63 4.74
C CYS A 346 -4.82 36.03 4.43
N PRO A 347 -5.66 36.79 3.71
CA PRO A 347 -7.06 36.46 3.45
C PRO A 347 -7.27 35.45 2.32
N ASN A 348 -6.33 35.38 1.38
CA ASN A 348 -6.47 34.53 0.21
C ASN A 348 -6.64 33.05 0.58
N ARG A 349 -5.94 32.62 1.63
CA ARG A 349 -6.03 31.24 2.08
C ARG A 349 -7.17 31.05 3.08
N ALA A 350 -7.52 32.12 3.77
CA ALA A 350 -8.58 32.06 4.78
C ALA A 350 -9.94 31.77 4.14
N LYS A 351 -10.10 32.22 2.90
CA LYS A 351 -11.35 32.01 2.17
C LYS A 351 -11.59 30.54 1.88
N ARG A 352 -10.52 29.78 1.73
CA ARG A 352 -10.62 28.35 1.43
C ARG A 352 -10.75 27.51 2.69
N VAL A 353 -10.19 27.99 3.79
CA VAL A 353 -10.24 27.27 5.05
C VAL A 353 -11.62 27.37 5.68
N ILE A 354 -12.14 28.59 5.76
CA ILE A 354 -13.46 28.84 6.35
C ILE A 354 -14.55 28.15 5.55
N THR A 355 -14.41 28.14 4.23
CA THR A 355 -15.39 27.50 3.36
C THR A 355 -15.52 26.01 3.69
N THR A 356 -14.40 25.39 4.06
CA THR A 356 -14.40 23.98 4.45
C THR A 356 -15.21 23.75 5.72
N PHE A 357 -15.09 24.67 6.68
CA PHE A 357 -15.76 24.53 7.96
C PHE A 357 -17.27 24.71 7.87
N ARG A 358 -17.76 25.28 6.77
CA ARG A 358 -19.19 25.55 6.63
C ARG A 358 -19.88 24.58 5.67
N THR A 359 -19.10 23.92 4.81
CA THR A 359 -19.65 23.00 3.84
C THR A 359 -19.56 21.54 4.33
N GLY A 360 -18.33 21.06 4.46
CA GLY A 360 -18.08 19.69 4.86
C GLY A 360 -17.12 19.00 3.92
N THR A 361 -17.13 19.44 2.66
CA THR A 361 -16.24 18.90 1.65
C THR A 361 -15.13 19.89 1.33
N TRP A 362 -14.12 19.42 0.61
CA TRP A 362 -12.97 20.25 0.25
C TRP A 362 -13.06 20.73 -1.19
N ASP A 363 -14.27 21.05 -1.64
CA ASP A 363 -14.47 21.51 -3.00
C ASP A 363 -13.76 22.82 -3.28
N ALA A 364 -13.45 23.57 -2.21
CA ALA A 364 -12.68 24.79 -2.32
C ALA A 364 -11.22 24.47 -2.67
N TYR A 365 -10.71 23.41 -2.07
CA TYR A 365 -9.35 22.95 -2.34
C TYR A 365 -9.34 21.87 -3.42
N LEU A 366 -10.53 21.48 -3.88
CA LEU A 366 -10.72 20.32 -4.75
C LEU A 366 -10.15 19.07 -4.05
N ILE A 367 -9.12 18.47 -4.66
CA ILE A 367 -8.41 17.32 -4.10
C ILE A 367 -9.28 16.06 -3.98
N LYS A 368 -8.79 14.96 -4.54
CA LYS A 368 -9.48 13.69 -4.45
C LYS A 368 -9.51 13.18 -3.02
N GLU A 369 -10.67 12.69 -2.58
CA GLU A 369 -10.83 12.17 -1.22
C GLU A 369 -10.14 10.82 -1.08
N LYS A 370 -9.56 10.57 0.09
CA LYS A 370 -8.83 9.33 0.35
C LYS A 370 -9.12 8.79 1.74
N LYS A 371 -9.87 7.69 1.80
CA LYS A 371 -10.28 7.11 3.07
C LYS A 371 -9.86 5.64 3.21
N ALA A 372 -8.91 5.40 4.12
CA ALA A 372 -8.42 4.06 4.44
C ALA A 372 -7.88 3.30 3.22
N ALA A 373 -7.61 2.02 3.42
CA ALA A 373 -7.12 1.16 2.35
C ALA A 373 -8.21 0.19 1.90
N GLN A 374 -8.97 0.59 0.90
CA GLN A 374 -10.11 -0.20 0.44
C GLN A 374 -9.69 -1.46 -0.31
N THR A 375 -8.46 -1.47 -0.83
CA THR A 375 -7.99 -2.58 -1.64
C THR A 375 -7.12 -3.54 -0.85
N LEU A 376 -6.27 -3.00 0.02
CA LEU A 376 -5.34 -3.81 0.79
C LEU A 376 -6.04 -4.79 1.73
N SER A 377 -7.11 -4.33 2.37
CA SER A 377 -7.82 -5.15 3.34
C SER A 377 -8.34 -6.45 2.73
N ALA A 378 -8.85 -6.36 1.51
CA ALA A 378 -9.44 -7.53 0.85
C ALA A 378 -8.38 -8.53 0.39
N ILE A 379 -7.35 -8.03 -0.30
CA ILE A 379 -6.35 -8.91 -0.90
C ILE A 379 -5.40 -9.53 0.13
N LEU A 380 -5.14 -8.82 1.22
CA LEU A 380 -4.25 -9.32 2.27
C LEU A 380 -4.93 -10.39 3.11
N LEU A 381 -6.16 -10.12 3.54
CA LEU A 381 -6.92 -11.10 4.30
C LEU A 381 -7.16 -12.35 3.47
N ALA A 382 -7.36 -12.17 2.17
CA ALA A 382 -7.51 -13.30 1.27
C ALA A 382 -6.20 -14.06 1.15
N PHE A 383 -5.10 -13.32 1.04
CA PHE A 383 -3.77 -13.92 0.92
C PHE A 383 -3.40 -14.71 2.17
N ILE A 384 -3.70 -14.15 3.34
CA ILE A 384 -3.35 -14.79 4.61
C ILE A 384 -4.17 -16.05 4.86
N ILE A 385 -5.49 -15.91 4.85
CA ILE A 385 -6.41 -17.03 5.11
C ILE A 385 -6.14 -18.23 4.19
N THR A 386 -5.76 -17.95 2.96
CA THR A 386 -5.53 -19.00 1.97
C THR A 386 -4.18 -19.71 2.15
N TRP A 387 -3.13 -18.94 2.41
CA TRP A 387 -1.78 -19.50 2.46
C TRP A 387 -1.37 -19.99 3.85
N THR A 388 -2.00 -19.47 4.89
CA THR A 388 -1.70 -19.88 6.26
C THR A 388 -1.86 -21.38 6.55
N PRO A 389 -2.92 -22.03 6.01
CA PRO A 389 -3.00 -23.46 6.29
C PRO A 389 -1.84 -24.26 5.72
N TYR A 390 -1.17 -23.70 4.71
CA TYR A 390 -0.02 -24.37 4.09
C TYR A 390 1.25 -24.13 4.89
N ASN A 391 1.52 -22.87 5.22
CA ASN A 391 2.76 -22.52 5.91
C ASN A 391 2.78 -22.96 7.37
N ILE A 392 1.62 -22.98 8.01
CA ILE A 392 1.52 -23.52 9.37
C ILE A 392 1.74 -25.03 9.32
N MET A 393 1.26 -25.66 8.25
CA MET A 393 1.45 -27.09 8.02
C MET A 393 2.94 -27.40 7.82
N VAL A 394 3.67 -26.46 7.24
CA VAL A 394 5.11 -26.59 7.08
C VAL A 394 5.78 -26.54 8.45
N LEU A 395 5.31 -25.64 9.30
CA LEU A 395 5.80 -25.53 10.67
C LEU A 395 5.57 -26.83 11.44
N VAL A 396 4.40 -27.43 11.23
CA VAL A 396 4.07 -28.71 11.86
C VAL A 396 4.92 -29.83 11.28
N ASN A 397 5.02 -29.88 9.96
CA ASN A 397 5.81 -30.90 9.28
C ASN A 397 7.29 -30.84 9.65
N THR A 398 7.72 -29.71 10.18
CA THR A 398 9.11 -29.51 10.55
C THR A 398 9.49 -30.33 11.78
N PHE A 399 8.58 -30.41 12.75
CA PHE A 399 8.88 -31.05 14.03
C PHE A 399 8.48 -32.53 14.10
N CYS A 400 8.16 -33.10 12.96
CA CYS A 400 7.87 -34.54 12.85
C CYS A 400 7.98 -35.02 11.41
N ASP A 401 7.37 -36.17 11.11
CA ASP A 401 7.47 -36.75 9.77
C ASP A 401 6.12 -37.13 9.19
N SER A 402 5.58 -38.27 9.64
CA SER A 402 4.31 -38.78 9.14
C SER A 402 3.13 -38.20 9.90
N CYS A 403 3.30 -36.99 10.41
CA CYS A 403 2.24 -36.32 11.16
C CYS A 403 1.26 -35.60 10.22
N ILE A 404 1.69 -35.40 8.97
CA ILE A 404 0.85 -34.75 7.98
C ILE A 404 0.72 -35.59 6.71
N PRO A 405 -0.50 -36.05 6.41
CA PRO A 405 -0.81 -36.84 5.21
C PRO A 405 -0.57 -36.06 3.92
N LYS A 406 -0.60 -36.75 2.78
CA LYS A 406 -0.40 -36.11 1.49
C LYS A 406 -1.64 -35.33 1.07
N THR A 407 -2.80 -35.75 1.58
CA THR A 407 -4.07 -35.09 1.27
C THR A 407 -4.07 -33.65 1.79
N TYR A 408 -3.53 -33.47 2.99
CA TYR A 408 -3.47 -32.14 3.60
C TYR A 408 -2.51 -31.23 2.84
N TRP A 409 -1.48 -31.82 2.24
CA TRP A 409 -0.55 -31.06 1.43
C TRP A 409 -1.18 -30.60 0.12
N ASN A 410 -1.99 -31.47 -0.48
CA ASN A 410 -2.67 -31.14 -1.72
C ASN A 410 -3.73 -30.06 -1.51
N LEU A 411 -4.48 -30.17 -0.42
CA LEU A 411 -5.52 -29.20 -0.10
C LEU A 411 -4.93 -27.82 0.19
N GLY A 412 -3.88 -27.78 0.99
CA GLY A 412 -3.20 -26.54 1.30
C GLY A 412 -2.57 -25.92 0.06
N TYR A 413 -2.12 -26.77 -0.85
CA TYR A 413 -1.55 -26.31 -2.12
C TYR A 413 -2.65 -25.72 -2.99
N TRP A 414 -3.85 -26.25 -2.87
CA TRP A 414 -5.01 -25.74 -3.59
C TRP A 414 -5.53 -24.46 -2.96
N LEU A 415 -5.45 -24.37 -1.65
CA LEU A 415 -5.85 -23.16 -0.93
C LEU A 415 -4.97 -21.99 -1.36
N CYS A 416 -3.70 -22.28 -1.65
CA CYS A 416 -2.79 -21.26 -2.14
C CYS A 416 -3.10 -20.90 -3.59
N TYR A 417 -3.84 -21.78 -4.26
CA TYR A 417 -4.25 -21.55 -5.63
C TYR A 417 -5.52 -20.72 -5.70
N ILE A 418 -6.43 -20.92 -4.75
CA ILE A 418 -7.67 -20.16 -4.72
C ILE A 418 -7.38 -18.72 -4.31
N ASN A 419 -6.19 -18.49 -3.74
CA ASN A 419 -5.74 -17.14 -3.46
C ASN A 419 -5.62 -16.34 -4.75
N SER A 420 -5.11 -17.01 -5.78
CA SER A 420 -4.98 -16.40 -7.10
C SER A 420 -6.35 -16.31 -7.79
N THR A 421 -7.34 -17.01 -7.23
CA THR A 421 -8.69 -17.03 -7.77
C THR A 421 -9.54 -15.92 -7.16
N VAL A 422 -9.36 -15.68 -5.87
CA VAL A 422 -10.14 -14.68 -5.14
C VAL A 422 -9.60 -13.26 -5.38
N ASN A 423 -8.30 -13.17 -5.62
CA ASN A 423 -7.66 -11.86 -5.86
C ASN A 423 -8.30 -11.02 -6.97
N PRO A 424 -8.65 -11.62 -8.12
CA PRO A 424 -9.36 -10.78 -9.10
C PRO A 424 -10.79 -10.48 -8.68
N VAL A 425 -11.37 -11.32 -7.84
CA VAL A 425 -12.72 -11.10 -7.33
C VAL A 425 -12.71 -9.99 -6.28
N CYS A 426 -11.58 -9.82 -5.61
CA CYS A 426 -11.42 -8.77 -4.62
C CYS A 426 -11.46 -7.39 -5.28
N TYR A 427 -11.02 -7.33 -6.53
CA TYR A 427 -11.01 -6.08 -7.29
C TYR A 427 -12.42 -5.58 -7.55
N ALA A 428 -13.33 -6.50 -7.86
CA ALA A 428 -14.71 -6.15 -8.17
C ALA A 428 -15.54 -5.96 -6.91
N LEU A 429 -15.00 -6.42 -5.78
CA LEU A 429 -15.70 -6.33 -4.51
C LEU A 429 -15.28 -5.09 -3.72
N CYS A 430 -14.71 -4.11 -4.42
CA CYS A 430 -14.24 -2.88 -3.78
C CYS A 430 -14.58 -1.65 -4.61
N ASN A 431 -13.67 -1.29 -5.52
CA ASN A 431 -13.84 -0.09 -6.33
C ASN A 431 -15.01 -0.20 -7.29
N LYS A 432 -15.77 0.89 -7.43
CA LYS A 432 -16.93 0.93 -8.30
C LYS A 432 -16.53 1.12 -9.76
N THR A 433 -15.31 1.61 -9.98
CA THR A 433 -14.81 1.82 -11.33
C THR A 433 -14.48 0.48 -11.98
N PHE A 434 -14.02 -0.47 -11.17
CA PHE A 434 -13.76 -1.83 -11.65
C PHE A 434 -15.08 -2.57 -11.85
N ARG A 435 -16.08 -2.22 -11.05
CA ARG A 435 -17.41 -2.82 -11.17
C ARG A 435 -18.03 -2.54 -12.53
N THR A 436 -18.11 -1.27 -12.88
CA THR A 436 -18.75 -0.85 -14.13
C THR A 436 -17.96 -1.28 -15.35
N THR A 437 -16.65 -1.51 -15.17
CA THR A 437 -15.80 -1.93 -16.28
C THR A 437 -15.90 -3.44 -16.50
N PHE A 438 -16.18 -4.18 -15.42
CA PHE A 438 -16.41 -5.61 -15.53
C PHE A 438 -17.83 -5.88 -16.01
N LYS A 439 -18.68 -4.86 -15.90
CA LYS A 439 -20.08 -4.98 -16.31
C LYS A 439 -20.26 -4.59 -17.78
N THR A 440 -19.55 -3.55 -18.21
CA THR A 440 -19.62 -3.10 -19.59
C THR A 440 -19.06 -4.15 -20.54
N LEU A 441 -18.10 -4.94 -20.06
CA LEU A 441 -17.55 -6.05 -20.83
C LEU A 441 -18.56 -7.18 -20.91
N LEU A 442 -18.30 -8.14 -21.80
CA LEU A 442 -19.14 -9.33 -22.01
C LEU A 442 -20.51 -8.99 -22.59
N LEU A 443 -21.05 -7.82 -22.23
CA LEU A 443 -22.35 -7.35 -22.70
C LEU A 443 -23.47 -8.34 -22.35
C28 0HK B . 4.56 -21.27 0.48
O29 0HK B . 3.75 -20.47 0.93
C31 0HK B . 6.85 -22.30 0.48
C32 0HK B . 6.55 -19.98 -0.36
C34 0HK B . 6.88 -23.22 -0.56
C35 0HK B . 7.68 -24.31 -0.45
C36 0HK B . 8.43 -24.47 0.68
C41 0HK B . 7.39 -20.12 -1.44
C42 0HK B . 7.70 -19.04 -2.20
C43 0HK B . 7.16 -17.83 -1.85
O10 0HK B . 5.41 -22.51 -4.44
O11 0HK B . 4.15 -22.16 -0.54
O33 0HK B . 6.24 -20.54 1.92
S37 0HK B . 7.98 -23.04 1.63
S44 0HK B . 6.18 -18.24 -0.42
C1 0HK B . 1.40 -21.26 -4.16
C3 0HK B . 3.02 -22.95 -3.56
C4 0HK B . 2.55 -23.02 -2.12
C5 0HK B . 3.02 -21.82 -1.32
C6 0HK B . 3.31 -20.56 -2.14
C7 0HK B . 3.68 -20.89 -3.56
C8 0HK B . 4.96 -21.66 -3.42
C9 0HK B . 4.51 -23.08 -3.49
C12 0HK B . 2.91 -21.83 -5.69
C30 0HK B . 6.06 -21.01 0.63
N2 0HK B . 2.76 -21.74 -4.24
#